data_7S0I
#
_entry.id   7S0I
#
_cell.length_a   92.132
_cell.length_b   92.132
_cell.length_c   104.920
_cell.angle_alpha   90.000
_cell.angle_beta   90.000
_cell.angle_gamma   90.000
#
_symmetry.space_group_name_H-M   'P 4 21 2'
#
loop_
_entity.id
_entity.type
_entity.pdbx_description
1 polymer Neuraminidase
2 branched alpha-D-mannopyranose-(1-3)-alpha-D-mannopyranose-(1-4)-2-acetamido-2-deoxy-beta-D-glucopyranose-(1-4)-2-acetamido-2-deoxy-beta-D-glucopyranose
3 non-polymer 2-acetamido-2-deoxy-beta-D-glucopyranose
4 non-polymer 'CALCIUM ION'
5 water water
#
_entity_poly.entity_id   1
_entity_poly.type   'polypeptide(L)'
_entity_poly.pdbx_seq_one_letter_code
;GSPSRSVKLAGNSSLCPVSGWAIYSKDNSVRIGSKGDVFVIREPFISCSPLECRTFFLTQGALLNDKHSNGTIKDRSPYR
TLMSCPIGEVPSPYNSRFESVAWSASACHDGINWLTIGISGPDSGAVAVLKYNGIITDTIKSWRNNILRTQESECACVNG
SCFTIMTDGPSDGQASYKIFRIEKGKIIKSVEMKAPNYHYEECSCYPDSSEITCVCRDNWHGSNRPWVSFNQNLEYQMGY
ICSGVFGDNPRPNDKTGSCGPVSSNGANGVKGFSFKYGNGVWIGRTKSISSRKGFEMIWDPNGWTGTDNKFSIKQDIVGI
NEWSGYSGSFVQHPELTGLDCIRPCFWVELIRGRPEENTIWTSGSSISFCGVNSDTVGWSWPDGAELPFTIDK
;
_entity_poly.pdbx_strand_id   A
#
loop_
_chem_comp.id
_chem_comp.type
_chem_comp.name
_chem_comp.formula
CA non-polymer 'CALCIUM ION' 'Ca 2'
MAN D-saccharide, alpha linking alpha-D-mannopyranose 'C6 H12 O6'
NAG D-saccharide, beta linking 2-acetamido-2-deoxy-beta-D-glucopyranose 'C8 H15 N O6'
#
# COMPACT_ATOMS: atom_id res chain seq x y z
N SER A 6 19.86 6.37 -18.57
CA SER A 6 18.49 6.36 -18.04
C SER A 6 17.47 6.23 -19.16
N VAL A 7 16.62 5.21 -19.07
CA VAL A 7 15.59 4.89 -20.05
C VAL A 7 14.28 4.68 -19.31
N LYS A 8 13.18 5.16 -19.88
CA LYS A 8 11.90 5.05 -19.22
C LYS A 8 11.55 3.57 -19.08
N LEU A 9 10.81 3.23 -18.03
CA LEU A 9 10.41 1.85 -17.85
C LEU A 9 9.43 1.44 -18.95
N ALA A 10 9.65 0.26 -19.48
CA ALA A 10 8.79 -0.28 -20.54
C ALA A 10 7.45 -0.67 -19.94
N GLY A 11 7.49 -1.53 -18.92
CA GLY A 11 6.27 -1.99 -18.28
C GLY A 11 5.48 -2.92 -19.15
N ASN A 12 6.13 -3.55 -20.13
CA ASN A 12 5.47 -4.38 -21.11
C ASN A 12 5.58 -5.88 -20.88
N SER A 13 6.35 -6.34 -19.88
CA SER A 13 6.38 -7.77 -19.63
C SER A 13 5.29 -8.16 -18.63
N SER A 14 5.04 -9.47 -18.52
CA SER A 14 4.04 -10.01 -17.61
C SER A 14 4.58 -10.24 -16.22
N LEU A 15 3.67 -10.39 -15.26
CA LEU A 15 4.11 -10.77 -13.92
C LEU A 15 4.76 -12.16 -13.94
N CYS A 16 5.85 -12.28 -13.19
CA CYS A 16 6.57 -13.53 -12.98
C CYS A 16 5.73 -14.44 -12.08
N PRO A 17 5.36 -15.65 -12.51
CA PRO A 17 4.72 -16.59 -11.57
C PRO A 17 5.65 -16.93 -10.42
N VAL A 18 5.11 -17.03 -9.21
CA VAL A 18 5.94 -17.29 -8.04
C VAL A 18 5.35 -18.38 -7.16
N SER A 19 6.25 -19.09 -6.47
CA SER A 19 5.91 -20.23 -5.62
C SER A 19 5.95 -19.94 -4.14
N GLY A 20 6.59 -18.86 -3.74
CA GLY A 20 6.74 -18.52 -2.35
C GLY A 20 7.35 -17.14 -2.32
N TRP A 21 7.52 -16.64 -1.11
CA TRP A 21 7.99 -15.29 -0.90
C TRP A 21 9.23 -15.36 -0.03
N ALA A 22 10.31 -14.77 -0.52
CA ALA A 22 11.58 -14.76 0.18
C ALA A 22 11.75 -13.40 0.81
N ILE A 23 12.18 -13.39 2.07
CA ILE A 23 12.30 -12.15 2.81
C ILE A 23 13.37 -11.23 2.23
N TYR A 24 13.02 -9.95 2.08
CA TYR A 24 13.84 -8.95 1.41
C TYR A 24 14.37 -7.90 2.38
N SER A 25 13.52 -7.39 3.27
CA SER A 25 13.98 -6.38 4.22
C SER A 25 13.20 -6.46 5.53
N LYS A 26 13.84 -5.94 6.58
CA LYS A 26 13.22 -5.73 7.88
C LYS A 26 13.98 -4.62 8.58
N ASP A 27 13.26 -3.61 9.04
CA ASP A 27 13.90 -2.41 9.56
C ASP A 27 13.99 -2.32 11.09
N ASN A 28 13.17 -3.05 11.84
CA ASN A 28 13.19 -3.02 13.32
C ASN A 28 13.10 -1.59 13.86
N SER A 29 12.39 -0.71 13.14
CA SER A 29 12.41 0.72 13.45
C SER A 29 11.97 1.04 14.87
N VAL A 30 10.88 0.43 15.35
CA VAL A 30 10.42 0.84 16.67
C VAL A 30 11.37 0.36 17.76
N ARG A 31 11.89 -0.89 17.68
CA ARG A 31 12.90 -1.31 18.67
C ARG A 31 14.12 -0.38 18.65
N ILE A 32 14.62 -0.05 17.45
CA ILE A 32 15.80 0.80 17.37
C ILE A 32 15.46 2.19 17.92
N GLY A 33 14.24 2.64 17.65
CA GLY A 33 13.69 3.90 18.08
C GLY A 33 13.51 4.00 19.57
N SER A 34 13.66 2.87 20.30
CA SER A 34 13.51 2.90 21.75
C SER A 34 14.42 3.91 22.40
N LYS A 35 15.64 4.03 21.91
CA LYS A 35 16.57 5.04 22.39
C LYS A 35 17.04 5.99 21.30
N GLY A 36 17.32 5.44 20.10
CA GLY A 36 17.84 6.19 18.98
C GLY A 36 16.81 7.15 18.38
N ASP A 37 17.28 7.97 17.46
CA ASP A 37 16.44 8.99 16.82
C ASP A 37 15.73 8.53 15.55
N VAL A 38 14.50 8.03 15.73
CA VAL A 38 13.70 7.43 14.66
C VAL A 38 12.34 8.14 14.55
N PHE A 39 11.96 8.51 13.33
CA PHE A 39 10.69 9.19 13.07
C PHE A 39 9.48 8.38 13.52
N VAL A 40 8.47 9.08 14.04
CA VAL A 40 7.16 8.46 14.14
C VAL A 40 6.56 8.43 12.75
N ILE A 41 6.23 7.24 12.26
CA ILE A 41 5.71 7.11 10.91
C ILE A 41 4.54 6.15 10.90
N ARG A 42 3.79 6.22 9.80
CA ARG A 42 2.79 5.25 9.38
C ARG A 42 2.72 5.30 7.88
N GLU A 43 1.95 4.40 7.31
CA GLU A 43 1.75 4.29 5.87
C GLU A 43 3.10 4.16 5.16
N PRO A 44 3.95 3.20 5.55
CA PRO A 44 5.18 3.02 4.77
C PRO A 44 4.88 2.27 3.49
N PHE A 45 5.69 2.52 2.48
CA PHE A 45 5.60 1.71 1.26
C PHE A 45 6.93 1.73 0.52
N ILE A 46 7.15 0.70 -0.29
CA ILE A 46 8.38 0.56 -1.05
C ILE A 46 8.14 0.84 -2.52
N SER A 47 9.13 1.44 -3.15
CA SER A 47 9.17 1.67 -4.58
C SER A 47 10.65 1.71 -4.95
N CYS A 48 10.94 1.25 -6.15
CA CYS A 48 12.30 1.05 -6.62
C CYS A 48 12.49 1.92 -7.86
N SER A 49 13.72 2.32 -8.09
CA SER A 49 14.13 3.02 -9.31
C SER A 49 14.90 1.98 -10.12
N PRO A 50 15.48 2.30 -11.28
CA PRO A 50 16.27 1.26 -11.97
C PRO A 50 17.58 0.90 -11.27
N LEU A 51 17.96 1.63 -10.21
CA LEU A 51 19.19 1.51 -9.46
C LEU A 51 19.04 1.12 -7.99
N GLU A 52 17.99 1.56 -7.28
CA GLU A 52 17.90 1.32 -5.85
C GLU A 52 16.43 1.15 -5.47
N CYS A 53 16.21 0.65 -4.24
CA CYS A 53 14.89 0.52 -3.68
C CYS A 53 14.81 1.35 -2.41
N ARG A 54 13.71 2.06 -2.25
CA ARG A 54 13.55 2.95 -1.13
C ARG A 54 12.25 2.68 -0.36
N THR A 55 12.30 3.01 0.93
CA THR A 55 11.13 2.99 1.78
C THR A 55 10.64 4.42 1.89
N PHE A 56 9.41 4.66 1.44
CA PHE A 56 8.75 5.94 1.60
C PHE A 56 7.86 5.83 2.84
N PHE A 57 7.58 6.98 3.45
CA PHE A 57 6.76 6.93 4.65
C PHE A 57 6.23 8.31 4.95
N LEU A 58 5.11 8.35 5.65
CA LEU A 58 4.54 9.61 6.13
C LEU A 58 4.94 9.73 7.59
N THR A 59 5.80 10.71 7.89
CA THR A 59 6.15 10.95 9.28
C THR A 59 5.05 11.76 9.92
N GLN A 60 5.10 11.85 11.24
CA GLN A 60 4.19 12.72 11.94
C GLN A 60 4.94 13.94 12.47
N GLY A 61 6.16 14.15 11.97
CA GLY A 61 7.03 15.23 12.43
C GLY A 61 7.50 15.15 13.86
N ALA A 62 7.72 13.94 14.36
CA ALA A 62 8.13 13.72 15.75
C ALA A 62 8.96 12.44 15.83
N LEU A 63 9.65 12.28 16.95
CA LEU A 63 10.49 11.12 17.15
C LEU A 63 9.87 10.17 18.17
N LEU A 64 10.22 8.89 18.05
CA LEU A 64 9.77 7.88 18.99
C LEU A 64 10.30 8.17 20.40
N ASN A 65 9.48 7.87 21.40
CA ASN A 65 9.86 8.04 22.81
C ASN A 65 10.06 9.52 23.16
N ASP A 66 9.47 10.40 22.36
CA ASP A 66 9.45 11.83 22.61
C ASP A 66 8.03 12.32 22.83
N LYS A 67 7.89 13.43 23.56
CA LYS A 67 6.54 13.87 23.90
C LYS A 67 5.75 14.24 22.64
N HIS A 68 6.46 14.65 21.57
CA HIS A 68 5.77 15.07 20.36
C HIS A 68 5.17 13.91 19.60
N SER A 69 5.43 12.69 20.03
CA SER A 69 4.79 11.52 19.44
C SER A 69 3.40 11.34 20.00
N ASN A 70 3.01 12.24 20.90
CA ASN A 70 1.70 12.24 21.55
C ASN A 70 0.54 12.40 20.59
N GLY A 71 -0.43 11.51 20.70
CA GLY A 71 -1.63 11.65 19.91
C GLY A 71 -1.43 11.30 18.46
N THR A 72 -0.38 10.56 18.17
CA THR A 72 -0.09 10.23 16.79
C THR A 72 -1.03 9.15 16.26
N ILE A 73 -2.11 8.81 16.98
CA ILE A 73 -3.12 7.94 16.39
C ILE A 73 -3.90 8.74 15.37
N LYS A 74 -3.83 10.07 15.46
CA LYS A 74 -4.52 10.93 14.50
C LYS A 74 -3.80 10.81 13.17
N ASP A 75 -4.56 10.67 12.10
CA ASP A 75 -3.94 10.40 10.80
C ASP A 75 -3.45 11.68 10.09
N ARG A 76 -4.15 12.80 10.20
CA ARG A 76 -3.84 13.99 9.41
C ARG A 76 -3.55 15.17 10.34
N SER A 77 -2.54 15.96 9.96
CA SER A 77 -2.12 17.15 10.69
C SER A 77 -1.13 17.93 9.81
N PRO A 78 -0.89 19.21 10.12
CA PRO A 78 0.07 19.97 9.31
C PRO A 78 1.52 19.57 9.55
N TYR A 79 1.79 18.66 10.46
CA TYR A 79 3.15 18.33 10.76
C TYR A 79 3.64 17.10 9.99
N ARG A 80 2.72 16.29 9.44
CA ARG A 80 3.12 15.06 8.75
C ARG A 80 3.81 15.42 7.46
N THR A 81 4.90 14.73 7.15
CA THR A 81 5.63 14.96 5.92
C THR A 81 6.00 13.62 5.30
N LEU A 82 6.02 13.58 3.96
CA LEU A 82 6.49 12.41 3.22
C LEU A 82 8.01 12.48 3.05
N MET A 83 8.74 11.45 3.52
CA MET A 83 10.18 11.33 3.38
C MET A 83 10.54 9.92 2.94
N SER A 84 11.80 9.70 2.59
CA SER A 84 12.24 8.37 2.17
C SER A 84 13.66 8.08 2.61
N CYS A 85 13.94 6.79 2.75
CA CYS A 85 15.27 6.30 3.05
C CYS A 85 15.50 4.98 2.33
N PRO A 86 16.77 4.54 2.24
CA PRO A 86 17.11 3.23 1.65
C PRO A 86 16.40 2.08 2.34
N ILE A 87 16.13 1.03 1.56
CA ILE A 87 15.40 -0.10 2.10
C ILE A 87 16.10 -0.73 3.28
N GLY A 88 15.30 -1.04 4.29
CA GLY A 88 15.84 -1.71 5.44
C GLY A 88 16.40 -0.79 6.49
N GLU A 89 16.62 0.48 6.15
CA GLU A 89 17.16 1.39 7.13
C GLU A 89 16.03 2.07 7.88
N VAL A 90 16.30 2.39 9.14
CA VAL A 90 15.28 3.08 9.93
C VAL A 90 15.09 4.50 9.41
N PRO A 91 13.88 4.98 9.40
CA PRO A 91 13.62 6.35 8.96
C PRO A 91 14.14 7.33 10.01
N SER A 92 15.32 7.90 9.76
CA SER A 92 15.90 8.81 10.71
C SER A 92 16.15 10.16 10.07
N PRO A 93 16.15 11.25 10.86
CA PRO A 93 16.48 12.56 10.29
C PRO A 93 17.88 12.66 9.71
N TYR A 94 18.75 11.71 10.03
CA TYR A 94 20.15 11.74 9.62
C TYR A 94 20.42 10.93 8.35
N ASN A 95 19.45 10.13 7.89
CA ASN A 95 19.56 9.32 6.69
C ASN A 95 18.35 9.43 5.74
N SER A 96 17.37 10.29 6.03
CA SER A 96 16.14 10.40 5.25
C SER A 96 16.09 11.60 4.32
N ARG A 97 15.56 11.38 3.12
CA ARG A 97 15.39 12.44 2.14
C ARG A 97 13.98 13.00 2.26
N PHE A 98 13.87 14.33 2.27
CA PHE A 98 12.56 14.96 2.33
C PHE A 98 11.90 14.89 0.96
N GLU A 99 10.61 14.52 0.95
CA GLU A 99 9.86 14.40 -0.28
C GLU A 99 8.75 15.45 -0.41
N SER A 100 7.86 15.56 0.57
CA SER A 100 6.71 16.46 0.46
C SER A 100 6.03 16.57 1.82
N VAL A 101 5.28 17.66 1.99
CA VAL A 101 4.41 17.79 3.17
C VAL A 101 3.14 17.03 2.85
N ALA A 102 2.77 16.04 3.68
CA ALA A 102 1.69 15.17 3.25
C ALA A 102 1.18 14.28 4.38
N TRP A 103 -0.14 14.11 4.42
CA TRP A 103 -0.79 13.10 5.23
C TRP A 103 -1.44 11.99 4.41
N SER A 104 -1.24 12.00 3.09
CA SER A 104 -1.64 10.92 2.20
C SER A 104 -0.69 11.00 1.02
N ALA A 105 -0.25 9.85 0.50
CA ALA A 105 0.84 9.90 -0.47
C ALA A 105 0.87 8.75 -1.44
N SER A 106 1.72 8.92 -2.45
CA SER A 106 2.09 7.94 -3.45
C SER A 106 3.45 8.35 -4.01
N ALA A 107 4.11 7.38 -4.65
CA ALA A 107 5.41 7.65 -5.25
C ALA A 107 5.75 6.57 -6.28
N CYS A 108 6.57 6.96 -7.27
CA CYS A 108 7.05 6.02 -8.28
C CYS A 108 8.09 6.65 -9.18
N HIS A 109 8.83 5.75 -9.82
CA HIS A 109 9.92 6.09 -10.68
C HIS A 109 9.51 5.66 -12.08
N ASP A 110 9.63 6.56 -13.04
CA ASP A 110 9.23 6.26 -14.41
C ASP A 110 10.38 5.74 -15.25
N GLY A 111 11.52 5.50 -14.62
CA GLY A 111 12.72 5.08 -15.31
C GLY A 111 13.74 6.20 -15.41
N ILE A 112 13.29 7.47 -15.36
CA ILE A 112 14.18 8.62 -15.44
C ILE A 112 14.34 9.32 -14.08
N ASN A 113 13.23 9.75 -13.47
CA ASN A 113 13.23 10.45 -12.18
C ASN A 113 12.03 10.05 -11.34
N TRP A 114 12.07 10.46 -10.08
CA TRP A 114 10.99 10.20 -9.15
C TRP A 114 9.79 11.14 -9.31
N LEU A 115 8.61 10.54 -9.25
CA LEU A 115 7.35 11.23 -9.12
C LEU A 115 6.87 11.00 -7.70
N THR A 116 6.50 12.10 -7.04
CA THR A 116 5.90 12.05 -5.72
C THR A 116 4.56 12.76 -5.70
N ILE A 117 3.59 12.22 -4.95
CA ILE A 117 2.29 12.86 -4.78
C ILE A 117 2.03 12.96 -3.29
N GLY A 118 1.96 14.17 -2.76
CA GLY A 118 1.75 14.38 -1.33
C GLY A 118 0.56 15.27 -1.10
N ILE A 119 -0.44 14.77 -0.40
CA ILE A 119 -1.67 15.54 -0.12
C ILE A 119 -1.70 16.18 1.27
N SER A 120 -2.00 17.45 1.23
CA SER A 120 -2.26 18.42 2.25
C SER A 120 -3.40 19.22 1.62
N GLY A 121 -3.86 20.23 2.32
CA GLY A 121 -5.00 21.04 2.00
C GLY A 121 -5.97 20.53 3.02
N PRO A 122 -6.88 21.36 3.54
CA PRO A 122 -7.69 20.90 4.66
C PRO A 122 -8.71 19.85 4.22
N ASP A 123 -9.21 19.11 5.22
CA ASP A 123 -10.14 18.03 4.94
C ASP A 123 -11.28 18.59 4.11
N SER A 124 -11.54 19.88 4.29
CA SER A 124 -12.50 20.71 3.57
C SER A 124 -12.06 21.09 2.14
N GLY A 125 -10.91 20.63 1.65
CA GLY A 125 -10.36 21.20 0.43
C GLY A 125 -8.89 20.86 0.23
N ALA A 126 -8.53 19.60 0.42
CA ALA A 126 -7.14 19.17 0.33
C ALA A 126 -6.56 19.33 -1.06
N VAL A 127 -5.24 19.55 -1.13
CA VAL A 127 -4.53 19.76 -2.40
C VAL A 127 -3.38 18.78 -2.48
N ALA A 128 -3.33 18.04 -3.57
CA ALA A 128 -2.25 17.11 -3.84
C ALA A 128 -1.10 17.85 -4.50
N VAL A 129 0.09 17.74 -3.90
CA VAL A 129 1.28 18.36 -4.47
C VAL A 129 2.06 17.26 -5.19
N LEU A 130 2.24 17.46 -6.50
CA LEU A 130 2.98 16.53 -7.35
C LEU A 130 4.39 17.05 -7.52
N LYS A 131 5.38 16.20 -7.28
CA LYS A 131 6.76 16.56 -7.49
C LYS A 131 7.41 15.61 -8.47
N TYR A 132 8.21 16.16 -9.37
CA TYR A 132 8.99 15.36 -10.31
C TYR A 132 10.44 15.76 -10.09
N ASN A 133 11.25 14.81 -9.68
CA ASN A 133 12.62 15.07 -9.27
C ASN A 133 12.65 16.09 -8.15
N GLY A 134 11.64 16.02 -7.27
CA GLY A 134 11.59 16.87 -6.10
C GLY A 134 11.11 18.28 -6.36
N ILE A 135 10.72 18.59 -7.60
CA ILE A 135 10.25 19.91 -7.98
C ILE A 135 8.75 19.84 -8.22
N ILE A 136 8.01 20.79 -7.65
CA ILE A 136 6.56 20.81 -7.86
C ILE A 136 6.22 21.02 -9.32
N THR A 137 5.39 20.13 -9.86
CA THR A 137 5.05 20.11 -11.26
C THR A 137 3.55 20.24 -11.52
N ASP A 138 2.69 20.01 -10.52
CA ASP A 138 1.24 20.09 -10.69
C ASP A 138 0.57 19.95 -9.33
N THR A 139 -0.71 20.34 -9.28
CA THR A 139 -1.56 20.12 -8.12
C THR A 139 -2.96 19.75 -8.59
N ILE A 140 -3.68 19.11 -7.68
CA ILE A 140 -5.10 18.82 -7.85
C ILE A 140 -5.80 18.91 -6.51
N LYS A 141 -6.87 19.68 -6.44
CA LYS A 141 -7.57 19.92 -5.19
C LYS A 141 -8.86 19.12 -5.09
N SER A 142 -9.23 18.77 -3.85
CA SER A 142 -10.48 18.06 -3.52
C SER A 142 -11.67 18.61 -4.29
N TRP A 143 -12.44 17.70 -4.86
CA TRP A 143 -13.64 18.04 -5.62
C TRP A 143 -14.90 17.67 -4.85
N ARG A 144 -14.77 16.95 -3.73
CA ARG A 144 -15.87 16.61 -2.85
C ARG A 144 -15.71 17.19 -1.46
N ASN A 145 -14.62 17.90 -1.17
CA ASN A 145 -14.40 18.53 0.13
C ASN A 145 -14.51 17.55 1.29
N ASN A 146 -14.03 16.31 1.10
CA ASN A 146 -14.09 15.30 2.16
C ASN A 146 -12.85 14.40 2.14
N ILE A 147 -11.71 14.96 2.56
CA ILE A 147 -10.46 14.22 2.71
C ILE A 147 -10.00 13.56 1.41
N LEU A 148 -9.52 14.39 0.47
CA LEU A 148 -8.86 13.88 -0.73
C LEU A 148 -7.74 12.92 -0.32
N ARG A 149 -7.70 11.73 -0.91
CA ARG A 149 -6.72 10.74 -0.45
C ARG A 149 -6.30 9.79 -1.57
N THR A 150 -5.12 9.18 -1.42
CA THR A 150 -4.55 8.37 -2.50
C THR A 150 -4.03 7.02 -2.01
N GLN A 151 -3.11 6.41 -2.77
CA GLN A 151 -2.79 4.98 -2.63
C GLN A 151 -2.19 4.59 -1.30
N GLU A 152 -1.24 5.38 -0.77
CA GLU A 152 -0.37 4.99 0.34
C GLU A 152 0.51 3.81 -0.08
N SER A 153 0.69 3.62 -1.39
CA SER A 153 1.66 2.70 -1.95
C SER A 153 2.11 3.25 -3.29
N GLU A 154 2.94 2.47 -3.98
CA GLU A 154 3.59 2.96 -5.19
C GLU A 154 2.62 3.15 -6.37
N CYS A 155 2.83 4.20 -7.15
CA CYS A 155 2.13 4.27 -8.41
C CYS A 155 2.79 3.32 -9.42
N ALA A 156 2.16 3.21 -10.57
CA ALA A 156 2.61 2.29 -11.60
C ALA A 156 3.00 3.07 -12.84
N CYS A 157 4.13 2.70 -13.43
CA CYS A 157 4.66 3.44 -14.56
C CYS A 157 4.77 2.51 -15.77
N VAL A 158 4.37 3.02 -16.95
CA VAL A 158 4.44 2.32 -18.23
C VAL A 158 4.78 3.31 -19.35
N ASN A 159 5.88 3.08 -20.05
CA ASN A 159 6.28 3.93 -21.19
C ASN A 159 6.21 5.43 -20.91
N GLY A 160 6.80 5.88 -19.81
CA GLY A 160 6.90 7.29 -19.57
C GLY A 160 5.68 7.87 -18.89
N SER A 161 4.65 7.06 -18.68
CA SER A 161 3.44 7.45 -17.97
C SER A 161 3.30 6.71 -16.64
N CYS A 162 2.91 7.45 -15.61
CA CYS A 162 2.65 6.85 -14.31
C CYS A 162 1.17 7.01 -13.98
N PHE A 163 0.59 6.02 -13.29
CA PHE A 163 -0.85 6.03 -13.10
C PHE A 163 -1.22 5.85 -11.63
N THR A 164 -2.27 6.53 -11.15
CA THR A 164 -2.69 6.31 -9.76
C THR A 164 -4.20 6.56 -9.62
N ILE A 165 -4.70 6.34 -8.39
CA ILE A 165 -6.11 6.51 -8.04
C ILE A 165 -6.21 7.43 -6.83
N MET A 166 -7.32 8.16 -6.74
CA MET A 166 -7.63 8.98 -5.58
C MET A 166 -9.11 8.89 -5.24
N THR A 167 -9.41 9.08 -3.95
CA THR A 167 -10.76 9.05 -3.43
C THR A 167 -11.06 10.35 -2.71
N ASP A 168 -12.30 10.80 -2.83
CA ASP A 168 -12.80 11.98 -2.16
C ASP A 168 -14.25 11.70 -1.82
N GLY A 169 -14.60 11.89 -0.56
CA GLY A 169 -15.94 11.60 -0.14
C GLY A 169 -15.98 10.71 1.07
N PRO A 170 -17.19 10.30 1.43
CA PRO A 170 -17.34 9.48 2.63
C PRO A 170 -16.58 8.17 2.51
N SER A 171 -16.08 7.71 3.65
CA SER A 171 -15.50 6.40 3.78
C SER A 171 -16.53 5.50 4.42
N ASP A 172 -17.70 6.09 4.69
CA ASP A 172 -18.87 5.52 5.33
C ASP A 172 -19.97 5.24 4.31
N GLY A 173 -19.69 5.47 3.04
CA GLY A 173 -20.69 5.33 2.00
C GLY A 173 -20.03 5.55 0.65
N GLN A 174 -20.86 5.60 -0.39
CA GLN A 174 -20.37 5.82 -1.74
C GLN A 174 -19.58 7.13 -1.82
N ALA A 175 -18.38 7.07 -2.40
CA ALA A 175 -17.55 8.26 -2.62
C ALA A 175 -17.19 8.32 -4.10
N SER A 176 -16.31 9.25 -4.46
CA SER A 176 -15.95 9.41 -5.86
C SER A 176 -14.47 9.08 -6.04
N TYR A 177 -14.20 8.32 -7.09
CA TYR A 177 -12.88 7.78 -7.35
C TYR A 177 -12.47 8.16 -8.77
N LYS A 178 -11.28 8.74 -8.90
CA LYS A 178 -10.78 9.15 -10.20
C LYS A 178 -9.41 8.52 -10.41
N ILE A 179 -9.16 8.11 -11.66
CA ILE A 179 -7.88 7.56 -12.10
C ILE A 179 -7.12 8.61 -12.89
N PHE A 180 -5.82 8.68 -12.64
CA PHE A 180 -4.97 9.69 -13.25
C PHE A 180 -3.83 9.10 -14.06
N ARG A 181 -3.55 9.74 -15.20
CA ARG A 181 -2.37 9.45 -16.00
C ARG A 181 -1.45 10.65 -15.86
N ILE A 182 -0.22 10.39 -15.41
CA ILE A 182 0.75 11.41 -15.10
C ILE A 182 2.00 11.17 -15.92
N GLU A 183 2.50 12.24 -16.55
CA GLU A 183 3.74 12.16 -17.32
C GLU A 183 4.65 13.27 -16.85
N LYS A 184 5.83 12.88 -16.36
CA LYS A 184 6.79 13.82 -15.81
C LYS A 184 6.17 14.73 -14.73
N GLY A 185 5.32 14.17 -13.88
CA GLY A 185 4.78 14.94 -12.79
C GLY A 185 3.62 15.83 -13.17
N LYS A 186 3.18 15.79 -14.43
CA LYS A 186 2.10 16.62 -14.92
C LYS A 186 0.88 15.71 -15.15
N ILE A 187 -0.28 16.09 -14.62
CA ILE A 187 -1.48 15.30 -14.90
C ILE A 187 -1.86 15.49 -16.37
N ILE A 188 -1.95 14.37 -17.09
CA ILE A 188 -2.21 14.39 -18.51
C ILE A 188 -3.67 14.13 -18.83
N LYS A 189 -4.35 13.28 -18.07
CA LYS A 189 -5.74 12.98 -18.35
C LYS A 189 -6.30 12.35 -17.08
N SER A 190 -7.59 12.55 -16.84
CA SER A 190 -8.23 11.92 -15.70
C SER A 190 -9.65 11.51 -16.07
N VAL A 191 -10.19 10.58 -15.29
CA VAL A 191 -11.55 10.07 -15.50
C VAL A 191 -12.18 9.70 -14.17
N GLU A 192 -13.47 10.05 -14.03
CA GLU A 192 -14.28 9.69 -12.88
C GLU A 192 -14.87 8.31 -13.12
N MET A 193 -14.73 7.41 -12.16
CA MET A 193 -15.30 6.09 -12.36
C MET A 193 -16.82 6.14 -12.28
N LYS A 194 -17.47 5.31 -13.08
CA LYS A 194 -18.91 5.06 -12.92
C LYS A 194 -19.04 3.79 -12.09
N ALA A 195 -18.82 3.94 -10.79
CA ALA A 195 -18.79 2.79 -9.87
C ALA A 195 -19.81 2.92 -8.75
N PRO A 196 -21.10 2.91 -9.06
CA PRO A 196 -22.10 2.89 -8.00
C PRO A 196 -22.01 1.60 -7.19
N ASN A 197 -22.13 1.72 -5.87
CA ASN A 197 -22.06 0.61 -4.92
C ASN A 197 -20.65 0.05 -4.72
N TYR A 198 -19.64 0.62 -5.35
CA TYR A 198 -18.25 0.25 -5.12
C TYR A 198 -17.62 1.24 -4.14
N HIS A 199 -16.54 0.82 -3.49
CA HIS A 199 -15.76 1.72 -2.67
C HIS A 199 -14.28 1.45 -2.85
N TYR A 200 -13.54 2.49 -3.19
CA TYR A 200 -12.10 2.37 -3.45
C TYR A 200 -11.31 3.28 -2.53
N GLU A 201 -10.38 2.68 -1.80
CA GLU A 201 -9.42 3.41 -0.99
C GLU A 201 -8.07 2.71 -1.04
N GLU A 202 -7.01 3.50 -0.90
CA GLU A 202 -5.66 3.00 -0.71
C GLU A 202 -5.26 1.87 -1.67
N CYS A 203 -5.38 2.14 -2.96
CA CYS A 203 -5.10 1.10 -3.92
C CYS A 203 -3.62 0.74 -3.96
N SER A 204 -3.39 -0.57 -4.04
CA SER A 204 -2.07 -1.11 -4.29
C SER A 204 -2.07 -1.50 -5.79
N CYS A 205 -1.30 -0.74 -6.57
CA CYS A 205 -1.28 -0.85 -8.02
C CYS A 205 0.06 -1.33 -8.56
N TYR A 206 -0.02 -2.16 -9.60
CA TYR A 206 1.15 -2.66 -10.27
C TYR A 206 0.90 -2.72 -11.76
N PRO A 207 1.95 -2.64 -12.57
CA PRO A 207 1.83 -2.78 -14.02
C PRO A 207 1.93 -4.24 -14.40
N ASP A 208 1.28 -4.60 -15.50
CA ASP A 208 1.35 -5.99 -15.93
C ASP A 208 1.00 -6.05 -17.41
N SER A 209 1.99 -6.42 -18.24
CA SER A 209 1.77 -6.52 -19.67
C SER A 209 1.19 -5.25 -20.27
N SER A 210 1.84 -4.14 -19.95
CA SER A 210 1.56 -2.79 -20.44
C SER A 210 0.32 -2.12 -19.88
N GLU A 211 -0.44 -2.79 -19.01
CA GLU A 211 -1.60 -2.23 -18.36
C GLU A 211 -1.42 -2.31 -16.84
N ILE A 212 -2.19 -1.50 -16.14
CA ILE A 212 -2.13 -1.38 -14.68
C ILE A 212 -3.35 -2.02 -14.03
N THR A 213 -3.09 -2.76 -12.95
CA THR A 213 -4.11 -3.38 -12.10
C THR A 213 -3.98 -2.86 -10.67
N CYS A 214 -5.10 -2.48 -10.08
CA CYS A 214 -5.15 -1.97 -8.72
C CYS A 214 -6.09 -2.80 -7.86
N VAL A 215 -5.59 -3.23 -6.71
CA VAL A 215 -6.37 -3.90 -5.69
C VAL A 215 -6.42 -2.98 -4.49
N CYS A 216 -7.63 -2.74 -4.00
CA CYS A 216 -7.90 -1.65 -3.08
C CYS A 216 -8.65 -2.04 -1.81
N ARG A 217 -9.14 -1.03 -1.11
CA ARG A 217 -9.83 -1.31 0.12
C ARG A 217 -11.21 -0.81 0.06
N ASP A 218 -12.19 -1.62 0.39
CA ASP A 218 -13.59 -1.19 0.48
C ASP A 218 -13.89 -0.92 1.96
N ASN A 219 -13.97 0.36 2.33
CA ASN A 219 -14.19 0.74 3.73
C ASN A 219 -15.67 0.87 4.03
N TRP A 220 -16.52 0.71 3.03
CA TRP A 220 -17.95 0.97 3.15
C TRP A 220 -18.71 -0.30 3.51
N HIS A 221 -18.66 -1.30 2.63
CA HIS A 221 -19.47 -2.51 2.84
C HIS A 221 -18.91 -3.77 2.19
N GLY A 222 -17.61 -3.86 1.95
CA GLY A 222 -17.05 -5.06 1.37
C GLY A 222 -15.86 -5.65 2.11
N SER A 223 -15.92 -6.94 2.44
CA SER A 223 -14.85 -7.65 3.12
C SER A 223 -13.92 -8.36 2.16
N ASN A 224 -14.28 -8.40 0.88
CA ASN A 224 -13.36 -8.78 -0.18
C ASN A 224 -12.81 -7.50 -0.79
N ARG A 225 -11.77 -7.66 -1.57
CA ARG A 225 -11.20 -6.42 -2.06
C ARG A 225 -11.73 -6.05 -3.43
N PRO A 226 -12.05 -4.77 -3.62
CA PRO A 226 -12.42 -4.30 -4.95
C PRO A 226 -11.16 -4.15 -5.76
N TRP A 227 -11.30 -4.23 -7.07
CA TRP A 227 -10.17 -4.01 -7.97
C TRP A 227 -10.56 -3.11 -9.12
N VAL A 228 -9.54 -2.53 -9.74
CA VAL A 228 -9.71 -1.75 -10.95
C VAL A 228 -8.51 -1.99 -11.85
N SER A 229 -8.77 -2.22 -13.14
CA SER A 229 -7.74 -2.38 -14.13
C SER A 229 -8.02 -1.40 -15.26
N PHE A 230 -6.95 -0.93 -15.89
CA PHE A 230 -7.12 0.04 -16.96
C PHE A 230 -5.89 0.05 -17.86
N ASN A 231 -6.11 0.49 -19.10
CA ASN A 231 -5.03 0.71 -20.04
C ASN A 231 -4.49 2.13 -19.90
N GLN A 232 -3.55 2.49 -20.77
CA GLN A 232 -2.92 3.81 -20.69
C GLN A 232 -3.89 4.96 -20.97
N ASN A 233 -4.99 4.71 -21.67
CA ASN A 233 -5.96 5.76 -21.92
C ASN A 233 -7.01 5.90 -20.83
N LEU A 234 -6.87 5.19 -19.71
CA LEU A 234 -7.78 5.31 -18.59
C LEU A 234 -9.14 4.67 -18.89
N GLU A 235 -9.15 3.76 -19.85
CA GLU A 235 -10.27 2.88 -20.16
C GLU A 235 -10.29 1.84 -19.06
N TYR A 236 -11.35 1.79 -18.26
CA TYR A 236 -11.27 1.02 -17.03
C TYR A 236 -12.22 -0.16 -17.02
N GLN A 237 -11.88 -1.13 -16.15
CA GLN A 237 -12.73 -2.24 -15.77
C GLN A 237 -12.71 -2.38 -14.25
N MET A 238 -13.82 -2.78 -13.66
CA MET A 238 -13.91 -2.87 -12.21
C MET A 238 -14.58 -4.16 -11.77
N GLY A 239 -14.40 -4.48 -10.49
CA GLY A 239 -15.01 -5.67 -9.93
C GLY A 239 -14.52 -5.88 -8.51
N TYR A 240 -14.87 -7.04 -7.96
CA TYR A 240 -14.35 -7.44 -6.67
C TYR A 240 -13.71 -8.81 -6.84
N ILE A 241 -12.67 -9.07 -6.05
CA ILE A 241 -12.08 -10.41 -6.08
C ILE A 241 -13.08 -11.41 -5.54
N CYS A 242 -13.36 -12.44 -6.33
CA CYS A 242 -14.46 -13.34 -6.05
C CYS A 242 -14.13 -14.38 -4.98
N SER A 243 -12.84 -14.63 -4.74
CA SER A 243 -12.40 -15.71 -3.85
C SER A 243 -13.05 -15.60 -2.47
N GLY A 244 -13.44 -16.74 -1.91
CA GLY A 244 -13.94 -16.80 -0.56
C GLY A 244 -12.88 -16.64 0.51
N VAL A 245 -11.60 -16.76 0.12
CA VAL A 245 -10.47 -16.26 0.88
C VAL A 245 -10.55 -14.74 0.99
N PHE A 246 -11.35 -14.24 1.93
CA PHE A 246 -11.54 -12.80 2.03
C PHE A 246 -10.23 -12.11 2.39
N GLY A 247 -9.96 -11.00 1.72
CA GLY A 247 -8.66 -10.37 1.82
C GLY A 247 -8.63 -9.17 2.75
N ASP A 248 -9.79 -8.60 3.02
CA ASP A 248 -9.84 -7.41 3.84
C ASP A 248 -9.80 -7.80 5.32
N ASN A 249 -9.71 -6.78 6.16
CA ASN A 249 -9.76 -6.91 7.61
C ASN A 249 -10.45 -5.68 8.15
N PRO A 250 -11.56 -5.82 8.89
CA PRO A 250 -12.11 -7.11 9.32
C PRO A 250 -12.79 -7.88 8.20
N ARG A 251 -13.27 -9.07 8.51
CA ARG A 251 -13.86 -9.92 7.49
C ARG A 251 -14.55 -11.10 8.15
N PRO A 252 -15.38 -11.83 7.42
CA PRO A 252 -15.97 -13.07 7.97
C PRO A 252 -14.96 -14.20 7.91
N ASN A 253 -15.32 -15.30 8.55
CA ASN A 253 -14.56 -16.52 8.33
C ASN A 253 -14.69 -16.93 6.86
N ASP A 254 -13.65 -17.56 6.34
CA ASP A 254 -13.65 -17.95 4.94
C ASP A 254 -14.84 -18.86 4.61
N LYS A 255 -15.50 -18.57 3.49
CA LYS A 255 -16.60 -19.40 3.04
C LYS A 255 -16.81 -19.09 1.54
N THR A 256 -17.99 -19.42 1.00
CA THR A 256 -18.30 -19.06 -0.40
C THR A 256 -18.31 -17.54 -0.56
N GLY A 257 -17.51 -17.06 -1.51
CA GLY A 257 -17.32 -15.65 -1.77
C GLY A 257 -18.35 -15.03 -2.70
N SER A 258 -18.04 -13.81 -3.13
CA SER A 258 -18.93 -13.06 -4.01
C SER A 258 -18.09 -12.23 -4.96
N CYS A 259 -18.60 -12.09 -6.19
CA CYS A 259 -17.94 -11.24 -7.17
C CYS A 259 -18.36 -9.79 -7.01
N GLY A 260 -19.20 -9.52 -6.02
CA GLY A 260 -19.58 -8.18 -5.62
C GLY A 260 -19.15 -7.95 -4.18
N PRO A 261 -19.47 -6.79 -3.62
CA PRO A 261 -19.07 -6.51 -2.25
C PRO A 261 -19.75 -7.49 -1.29
N VAL A 262 -18.94 -8.15 -0.48
CA VAL A 262 -19.45 -9.07 0.54
C VAL A 262 -19.85 -8.22 1.75
N SER A 263 -21.16 -8.13 1.99
CA SER A 263 -21.64 -7.20 3.01
C SER A 263 -21.23 -7.57 4.43
N SER A 264 -21.17 -8.86 4.75
CA SER A 264 -20.81 -9.30 6.09
C SER A 264 -19.42 -8.79 6.51
N ASN A 265 -19.35 -8.02 7.60
CA ASN A 265 -18.10 -7.44 8.12
C ASN A 265 -17.39 -6.56 7.09
N GLY A 266 -18.17 -5.96 6.19
CA GLY A 266 -17.59 -5.20 5.10
C GLY A 266 -17.14 -3.81 5.50
N ALA A 267 -17.71 -3.27 6.58
CA ALA A 267 -17.31 -1.94 7.01
C ALA A 267 -15.88 -1.93 7.54
N ASN A 268 -15.26 -0.75 7.44
CA ASN A 268 -13.88 -0.53 7.86
C ASN A 268 -13.01 -1.35 6.93
N GLY A 269 -11.75 -1.56 7.27
CA GLY A 269 -10.88 -2.32 6.40
C GLY A 269 -9.42 -2.06 6.67
N VAL A 270 -8.59 -2.51 5.73
CA VAL A 270 -7.15 -2.33 5.82
C VAL A 270 -6.60 -2.21 4.41
N LYS A 271 -5.58 -1.40 4.26
CA LYS A 271 -4.91 -1.34 2.97
C LYS A 271 -4.31 -2.71 2.70
N GLY A 272 -4.48 -3.20 1.48
CA GLY A 272 -3.92 -4.48 1.15
C GLY A 272 -3.60 -4.56 -0.32
N PHE A 273 -3.33 -5.78 -0.79
CA PHE A 273 -2.93 -5.97 -2.17
C PHE A 273 -3.27 -7.40 -2.54
N SER A 274 -3.23 -7.67 -3.84
CA SER A 274 -3.33 -9.01 -4.38
C SER A 274 -2.79 -8.94 -5.80
N PHE A 275 -2.25 -10.06 -6.28
CA PHE A 275 -1.72 -10.17 -7.64
C PHE A 275 -2.61 -11.09 -8.46
N LYS A 276 -3.11 -10.58 -9.59
CA LYS A 276 -3.99 -11.35 -10.46
C LYS A 276 -3.13 -12.13 -11.45
N TYR A 277 -3.40 -13.44 -11.57
CA TYR A 277 -2.78 -14.30 -12.59
C TYR A 277 -3.85 -15.10 -13.29
N GLY A 278 -4.33 -14.62 -14.43
CA GLY A 278 -5.43 -15.30 -15.07
C GLY A 278 -6.60 -15.35 -14.12
N ASN A 279 -7.08 -16.56 -13.87
CA ASN A 279 -8.17 -16.75 -12.93
C ASN A 279 -7.65 -16.91 -11.50
N GLY A 280 -6.31 -16.97 -11.33
CA GLY A 280 -5.71 -17.16 -10.01
C GLY A 280 -5.34 -15.84 -9.33
N VAL A 281 -5.00 -15.93 -8.05
CA VAL A 281 -4.68 -14.74 -7.29
C VAL A 281 -3.75 -15.09 -6.11
N TRP A 282 -2.72 -14.27 -5.91
CA TRP A 282 -1.94 -14.32 -4.68
C TRP A 282 -2.56 -13.34 -3.67
N ILE A 283 -3.13 -13.87 -2.58
CA ILE A 283 -3.80 -13.05 -1.57
C ILE A 283 -2.94 -12.91 -0.32
N GLY A 284 -2.67 -11.66 0.06
CA GLY A 284 -2.05 -11.34 1.34
C GLY A 284 -3.11 -10.82 2.29
N ARG A 285 -3.13 -11.35 3.52
CA ARG A 285 -4.16 -10.91 4.46
C ARG A 285 -3.74 -11.11 5.90
N THR A 286 -4.50 -10.48 6.79
CA THR A 286 -4.33 -10.66 8.23
C THR A 286 -4.65 -12.10 8.63
N LYS A 287 -4.12 -12.54 9.79
CA LYS A 287 -4.51 -13.88 10.23
C LYS A 287 -5.77 -13.85 11.07
N SER A 288 -5.93 -12.78 11.87
CA SER A 288 -7.13 -12.57 12.66
C SER A 288 -8.17 -11.94 11.77
N ILE A 289 -9.42 -12.30 12.00
CA ILE A 289 -10.50 -11.73 11.22
C ILE A 289 -11.00 -10.42 11.81
N SER A 290 -10.55 -10.04 13.03
CA SER A 290 -11.16 -8.85 13.63
C SER A 290 -10.19 -7.72 13.87
N SER A 291 -8.91 -8.02 14.07
CA SER A 291 -7.93 -6.98 14.33
C SER A 291 -6.78 -7.31 13.40
N ARG A 292 -5.90 -6.35 13.17
CA ARG A 292 -4.76 -6.57 12.29
C ARG A 292 -3.63 -7.27 13.04
N LYS A 293 -3.82 -8.57 13.22
CA LYS A 293 -2.83 -9.47 13.78
C LYS A 293 -2.31 -10.39 12.68
N GLY A 294 -1.03 -10.73 12.73
CA GLY A 294 -0.56 -11.77 11.82
C GLY A 294 -0.60 -11.39 10.35
N PHE A 295 0.04 -12.20 9.51
CA PHE A 295 -0.01 -12.00 8.07
C PHE A 295 0.35 -13.30 7.40
N GLU A 296 -0.28 -13.56 6.26
CA GLU A 296 -0.10 -14.81 5.54
C GLU A 296 -0.29 -14.54 4.06
N MET A 297 0.38 -15.34 3.22
CA MET A 297 0.21 -15.29 1.78
C MET A 297 -0.51 -16.55 1.34
N ILE A 298 -1.59 -16.40 0.56
CA ILE A 298 -2.40 -17.53 0.13
C ILE A 298 -2.53 -17.53 -1.38
N TRP A 299 -2.18 -18.65 -2.01
CA TRP A 299 -2.36 -18.85 -3.44
C TRP A 299 -3.69 -19.55 -3.70
N ASP A 300 -4.58 -18.89 -4.42
CA ASP A 300 -5.89 -19.45 -4.73
C ASP A 300 -5.96 -19.54 -6.25
N PRO A 301 -5.70 -20.72 -6.80
CA PRO A 301 -5.50 -20.89 -8.24
C PRO A 301 -6.67 -20.46 -9.10
N ASN A 302 -7.86 -20.33 -8.52
CA ASN A 302 -9.03 -19.82 -9.20
C ASN A 302 -9.77 -18.77 -8.39
N GLY A 303 -9.06 -18.09 -7.49
CA GLY A 303 -9.69 -17.15 -6.59
C GLY A 303 -10.07 -15.82 -7.20
N TRP A 304 -9.54 -15.49 -8.37
CA TRP A 304 -9.93 -14.22 -8.95
C TRP A 304 -11.40 -14.28 -9.40
N THR A 305 -11.82 -15.44 -9.92
CA THR A 305 -13.13 -15.60 -10.51
C THR A 305 -14.01 -16.64 -9.81
N GLY A 306 -13.43 -17.44 -8.92
CA GLY A 306 -14.16 -18.48 -8.22
C GLY A 306 -14.55 -18.02 -6.83
N THR A 307 -15.72 -18.46 -6.37
CA THR A 307 -16.29 -17.97 -5.14
C THR A 307 -16.04 -18.93 -3.99
N ASP A 308 -15.39 -20.05 -4.27
CA ASP A 308 -15.05 -21.07 -3.28
C ASP A 308 -13.92 -20.58 -2.36
N ASN A 309 -13.66 -21.36 -1.31
CA ASN A 309 -12.65 -21.01 -0.32
C ASN A 309 -11.45 -21.95 -0.37
N LYS A 310 -11.31 -22.72 -1.43
CA LYS A 310 -10.20 -23.64 -1.53
C LYS A 310 -8.99 -22.93 -2.12
N PHE A 311 -7.86 -23.11 -1.44
CA PHE A 311 -6.59 -22.59 -1.87
C PHE A 311 -5.57 -23.71 -1.83
N SER A 312 -4.44 -23.45 -2.48
CA SER A 312 -3.38 -24.42 -2.71
C SER A 312 -2.14 -24.23 -1.86
N ILE A 313 -1.77 -22.99 -1.60
CA ILE A 313 -0.55 -22.66 -0.87
C ILE A 313 -0.87 -21.59 0.18
N LYS A 314 -0.31 -21.76 1.37
CA LYS A 314 -0.31 -20.76 2.43
C LYS A 314 1.11 -20.65 2.95
N GLN A 315 1.60 -19.41 3.08
CA GLN A 315 2.93 -19.13 3.63
C GLN A 315 2.83 -18.18 4.80
N ASP A 316 3.34 -18.58 5.96
CA ASP A 316 3.32 -17.71 7.12
C ASP A 316 4.31 -16.56 6.96
N ILE A 317 3.86 -15.35 7.35
CA ILE A 317 4.64 -14.13 7.26
C ILE A 317 4.80 -13.46 8.63
N VAL A 318 3.71 -13.34 9.37
CA VAL A 318 3.72 -12.79 10.72
C VAL A 318 2.84 -13.67 11.61
N GLY A 319 3.34 -14.02 12.79
CA GLY A 319 2.58 -14.89 13.68
C GLY A 319 1.24 -14.29 14.04
N ILE A 320 0.28 -15.16 14.32
CA ILE A 320 -1.09 -14.70 14.55
C ILE A 320 -1.25 -13.79 15.77
N ASN A 321 -0.42 -13.94 16.78
CA ASN A 321 -0.53 -13.08 17.95
C ASN A 321 0.30 -11.81 17.85
N GLU A 322 0.89 -11.53 16.70
CA GLU A 322 1.73 -10.36 16.60
C GLU A 322 0.99 -9.36 15.75
N TRP A 323 1.24 -8.08 16.04
CA TRP A 323 0.57 -6.96 15.39
C TRP A 323 1.05 -6.78 13.97
N SER A 324 0.11 -6.55 13.08
CA SER A 324 0.41 -6.17 11.71
C SER A 324 -0.34 -4.88 11.39
N GLY A 325 -0.60 -4.66 10.10
CA GLY A 325 -1.27 -3.45 9.68
C GLY A 325 -1.43 -3.35 8.18
N TYR A 326 -1.14 -2.18 7.62
CA TYR A 326 -1.22 -2.00 6.17
C TYR A 326 -0.28 -2.96 5.46
N SER A 327 -0.65 -3.31 4.24
CA SER A 327 0.22 -4.05 3.34
C SER A 327 0.00 -3.48 1.96
N GLY A 328 1.00 -3.64 1.10
CA GLY A 328 0.90 -3.05 -0.22
C GLY A 328 1.79 -3.73 -1.21
N SER A 329 1.47 -3.55 -2.48
CA SER A 329 2.29 -4.13 -3.52
C SER A 329 3.46 -3.21 -3.86
N PHE A 330 4.55 -3.82 -4.34
CA PHE A 330 5.57 -3.07 -5.06
C PHE A 330 6.25 -4.02 -6.02
N VAL A 331 6.77 -3.48 -7.11
CA VAL A 331 7.35 -4.33 -8.14
C VAL A 331 8.81 -3.95 -8.32
N GLN A 332 9.57 -4.88 -8.88
CA GLN A 332 10.92 -4.60 -9.32
C GLN A 332 10.90 -4.86 -10.81
N HIS A 333 11.19 -3.82 -11.58
CA HIS A 333 11.10 -3.98 -13.02
C HIS A 333 12.34 -4.66 -13.60
N PRO A 334 12.17 -5.35 -14.73
CA PRO A 334 13.32 -5.97 -15.40
C PRO A 334 14.46 -4.98 -15.66
N GLU A 335 14.13 -3.70 -15.86
CA GLU A 335 15.16 -2.69 -16.05
C GLU A 335 16.09 -2.64 -14.85
N LEU A 336 15.60 -3.05 -13.68
CA LEU A 336 16.37 -3.08 -12.44
C LEU A 336 17.00 -4.45 -12.21
N THR A 337 16.24 -5.51 -12.46
CA THR A 337 16.66 -6.86 -12.10
C THR A 337 17.38 -7.58 -13.21
N GLY A 338 17.07 -7.25 -14.45
CA GLY A 338 17.62 -8.02 -15.56
C GLY A 338 16.80 -9.25 -15.87
N LEU A 339 15.67 -9.44 -15.21
CA LEU A 339 14.78 -10.56 -15.50
C LEU A 339 14.00 -10.26 -16.77
N ASP A 340 13.21 -11.24 -17.24
CA ASP A 340 12.41 -11.02 -18.43
C ASP A 340 10.93 -10.87 -18.09
N CYS A 341 10.63 -10.58 -16.83
CA CYS A 341 9.27 -10.40 -16.39
C CYS A 341 9.32 -9.45 -15.20
N ILE A 342 8.15 -8.96 -14.80
CA ILE A 342 7.98 -8.05 -13.67
C ILE A 342 7.87 -8.84 -12.39
N ARG A 343 8.72 -8.53 -11.43
CA ARG A 343 8.79 -9.27 -10.19
C ARG A 343 7.79 -8.75 -9.16
N PRO A 344 6.93 -9.63 -8.66
CA PRO A 344 5.97 -9.20 -7.64
C PRO A 344 6.63 -9.21 -6.28
N CYS A 345 6.48 -8.13 -5.53
CA CYS A 345 6.92 -8.07 -4.15
C CYS A 345 5.82 -7.43 -3.33
N PHE A 346 5.97 -7.50 -2.00
CA PHE A 346 5.04 -6.81 -1.13
C PHE A 346 5.75 -6.40 0.15
N TRP A 347 5.17 -5.42 0.81
CA TRP A 347 5.64 -4.92 2.09
C TRP A 347 4.52 -5.05 3.11
N VAL A 348 4.91 -5.13 4.38
CA VAL A 348 3.96 -5.17 5.49
C VAL A 348 4.31 -4.15 6.55
N GLU A 349 3.32 -3.36 6.95
CA GLU A 349 3.47 -2.42 8.05
C GLU A 349 3.07 -3.11 9.36
N LEU A 350 3.94 -3.09 10.36
CA LEU A 350 3.61 -3.66 11.67
C LEU A 350 3.38 -2.52 12.67
N ILE A 351 2.11 -2.18 12.89
CA ILE A 351 1.74 -1.03 13.70
C ILE A 351 1.84 -1.38 15.19
N ARG A 352 2.59 -0.56 15.93
CA ARG A 352 2.69 -0.69 17.37
C ARG A 352 2.17 0.58 18.04
N GLY A 353 1.56 0.41 19.21
CA GLY A 353 1.05 1.50 20.03
C GLY A 353 -0.46 1.55 19.95
N ARG A 354 -1.06 2.74 19.97
CA ARG A 354 -2.51 2.84 19.85
C ARG A 354 -2.95 2.43 18.43
N PRO A 355 -4.18 1.90 18.29
CA PRO A 355 -5.11 1.80 19.42
C PRO A 355 -5.10 0.53 20.22
N GLU A 356 -4.22 -0.42 19.86
CA GLU A 356 -4.22 -1.72 20.50
C GLU A 356 -3.41 -1.78 21.80
N GLU A 357 -2.46 -0.87 22.00
CA GLU A 357 -1.53 -0.94 23.11
C GLU A 357 -1.56 0.34 23.93
N ASN A 358 -1.15 0.22 25.19
CA ASN A 358 -1.25 1.31 26.18
C ASN A 358 -0.09 2.27 26.03
N THR A 359 -0.14 3.03 24.95
CA THR A 359 0.87 4.02 24.68
C THR A 359 0.20 5.35 24.45
N ILE A 360 1.03 6.39 24.29
CA ILE A 360 0.50 7.68 23.90
C ILE A 360 0.68 7.87 22.40
N TRP A 361 1.44 6.97 21.75
CA TRP A 361 1.87 7.12 20.37
C TRP A 361 1.48 5.90 19.52
N THR A 362 1.57 6.09 18.21
CA THR A 362 1.40 5.02 17.21
C THR A 362 2.46 5.14 16.10
N SER A 363 3.12 4.03 15.79
CA SER A 363 4.13 3.98 14.75
C SER A 363 4.22 2.55 14.22
N GLY A 364 4.94 2.39 13.11
CA GLY A 364 5.07 1.09 12.47
C GLY A 364 6.49 0.78 12.04
N SER A 365 6.75 -0.51 11.94
CA SER A 365 7.96 -1.00 11.30
C SER A 365 7.54 -1.62 9.99
N SER A 366 8.51 -2.18 9.29
CA SER A 366 8.16 -2.70 7.99
C SER A 366 8.96 -3.97 7.76
N ILE A 367 8.39 -4.87 6.97
CA ILE A 367 9.07 -6.03 6.44
C ILE A 367 8.70 -6.09 4.97
N SER A 368 9.56 -6.73 4.19
CA SER A 368 9.20 -6.85 2.79
C SER A 368 9.70 -8.19 2.27
N PHE A 369 9.02 -8.68 1.24
CA PHE A 369 9.31 -9.97 0.64
C PHE A 369 9.24 -9.84 -0.88
N CYS A 370 9.94 -10.74 -1.55
CA CYS A 370 9.89 -10.83 -2.99
C CYS A 370 9.52 -12.23 -3.44
N GLY A 371 8.77 -12.27 -4.54
CA GLY A 371 8.26 -13.52 -5.06
C GLY A 371 9.35 -14.29 -5.77
N VAL A 372 9.45 -15.56 -5.47
CA VAL A 372 10.44 -16.41 -6.10
C VAL A 372 9.79 -17.75 -6.44
N ASN A 373 10.50 -18.54 -7.23
CA ASN A 373 10.10 -19.90 -7.56
C ASN A 373 11.04 -20.91 -6.93
N SER A 374 11.98 -20.44 -6.11
CA SER A 374 12.85 -21.34 -5.39
C SER A 374 12.22 -21.59 -4.02
N ASP A 375 12.93 -22.32 -3.19
CA ASP A 375 12.42 -22.71 -1.91
C ASP A 375 12.26 -21.52 -0.97
N THR A 376 11.17 -21.51 -0.22
CA THR A 376 10.91 -20.50 0.78
C THR A 376 10.35 -21.23 2.00
N VAL A 377 10.14 -20.47 3.08
CA VAL A 377 9.57 -20.96 4.33
C VAL A 377 8.81 -19.87 5.03
N GLY A 378 7.77 -20.33 5.70
CA GLY A 378 7.01 -19.49 6.53
C GLY A 378 7.69 -19.40 7.87
N TRP A 379 7.47 -18.26 8.50
CA TRP A 379 8.00 -17.99 9.78
C TRP A 379 7.18 -16.83 10.29
N SER A 380 7.67 -16.11 11.32
CA SER A 380 7.03 -14.91 11.82
C SER A 380 8.10 -13.84 11.95
N TRP A 381 7.94 -12.74 11.23
CA TRP A 381 8.95 -11.68 11.41
C TRP A 381 8.24 -10.48 12.03
N PRO A 382 8.02 -10.50 13.34
CA PRO A 382 7.21 -9.45 13.98
C PRO A 382 8.05 -8.22 14.25
N ASP A 383 7.35 -7.16 14.67
CA ASP A 383 8.05 -5.93 15.05
C ASP A 383 9.04 -6.25 16.16
N GLY A 384 8.55 -6.87 17.22
CA GLY A 384 9.34 -7.38 18.32
C GLY A 384 9.66 -6.39 19.41
N ALA A 385 9.14 -5.17 19.35
CA ALA A 385 9.41 -4.26 20.44
C ALA A 385 8.50 -4.61 21.61
N GLU A 386 9.02 -4.41 22.81
CA GLU A 386 8.25 -4.66 24.03
C GLU A 386 7.79 -3.31 24.55
N LEU A 387 6.50 -3.06 24.45
CA LEU A 387 5.83 -1.85 24.88
C LEU A 387 5.17 -2.04 26.24
N PRO A 388 4.95 -0.95 26.99
CA PRO A 388 5.28 0.44 26.61
C PRO A 388 6.75 0.85 26.75
N PHE A 389 7.03 2.06 26.28
CA PHE A 389 8.33 2.72 26.33
C PHE A 389 8.42 3.67 27.53
N THR A 390 9.60 4.30 27.68
CA THR A 390 9.84 5.23 28.77
C THR A 390 8.85 6.39 28.75
N ILE A 391 8.53 6.92 27.55
CA ILE A 391 7.55 8.00 27.52
C ILE A 391 6.19 7.46 27.90
N ASP A 392 6.03 6.14 27.81
CA ASP A 392 4.81 5.33 27.98
C ASP A 392 4.26 4.89 26.63
C1 NAG B . -0.20 13.79 25.71
C2 NAG B . 0.40 14.19 27.06
C3 NAG B . -0.63 14.11 28.19
C4 NAG B . -1.94 14.81 27.80
C5 NAG B . -2.42 14.35 26.44
C6 NAG B . -3.63 15.13 25.94
C7 NAG B . 2.82 14.01 27.24
C8 NAG B . 3.99 13.13 27.59
N2 NAG B . 1.61 13.45 27.36
O3 NAG B . -0.09 14.65 29.39
O4 NAG B . -2.94 14.58 28.79
O5 NAG B . -1.39 14.56 25.47
O6 NAG B . -3.44 16.53 26.02
O7 NAG B . 2.97 15.17 26.89
C1 NAG B . -3.29 15.83 29.26
C2 NAG B . -4.69 15.53 29.77
C3 NAG B . -5.40 16.80 30.23
C4 NAG B . -4.49 17.73 31.03
C5 NAG B . -3.08 17.82 30.46
C6 NAG B . -2.11 18.50 31.40
C7 NAG B . -5.88 13.58 28.86
C8 NAG B . -6.68 13.04 27.71
N2 NAG B . -5.48 14.85 28.75
O3 NAG B . -6.53 16.40 31.00
O4 NAG B . -5.08 19.03 31.12
O5 NAG B . -2.57 16.49 30.24
O6 NAG B . -1.87 17.72 32.58
O7 NAG B . -5.60 12.88 29.83
C1 MAN B . -6.10 19.21 32.03
C2 MAN B . -6.12 20.50 32.81
C3 MAN B . -5.49 20.30 34.19
C4 MAN B . -6.06 19.02 34.91
C5 MAN B . -6.04 17.83 33.97
C6 MAN B . -6.66 16.60 34.61
O2 MAN B . -7.48 20.92 33.05
O3 MAN B . -5.72 21.42 35.00
O4 MAN B . -5.30 18.67 36.07
O5 MAN B . -6.76 18.18 32.76
O6 MAN B . -6.79 15.58 33.61
C1 MAN B . -5.44 21.67 36.33
C2 MAN B . -6.47 22.64 36.84
C3 MAN B . -6.33 23.96 36.07
C4 MAN B . -4.89 24.48 36.29
C5 MAN B . -3.88 23.38 35.84
C6 MAN B . -2.43 23.78 36.10
O2 MAN B . -6.23 22.92 38.22
O3 MAN B . -7.29 24.93 36.48
O4 MAN B . -4.68 25.68 35.55
O5 MAN B . -4.15 22.16 36.54
O6 MAN B . -2.19 23.73 37.52
C1 NAG C . 9.38 -4.11 -24.32
C2 NAG C . 9.16 -4.78 -25.70
C3 NAG C . 10.29 -4.51 -26.70
C4 NAG C . 10.75 -3.07 -26.69
C5 NAG C . 11.05 -2.64 -25.27
C6 NAG C . 11.61 -1.24 -25.12
C7 NAG C . 7.99 -6.96 -25.77
C8 NAG C . 8.11 -8.42 -25.46
N2 NAG C . 9.05 -6.22 -25.48
O3 NAG C . 9.81 -4.84 -28.00
O4 NAG C . 11.92 -2.93 -27.50
O5 NAG C . 9.86 -2.75 -24.48
O6 NAG C . 10.77 -0.22 -25.66
O7 NAG C . 6.97 -6.49 -26.25
CA CA D . -13.88 -3.76 4.33
CA CA E . -10.55 -21.16 -4.61
CA CA F . 20.29 11.39 21.62
#